data_8BTX
#
_entry.id   8BTX
#
_cell.length_a   79.981
_cell.length_b   79.981
_cell.length_c   65.164
_cell.angle_alpha   90.000
_cell.angle_beta   90.000
_cell.angle_gamma   90.000
#
_symmetry.space_group_name_H-M   'P 42 2 2'
#
loop_
_entity.id
_entity.type
_entity.pdbx_description
1 polymer 'Protein archease'
2 water water
#
_entity_poly.entity_id   1
_entity_poly.type   'polypeptide(L)'
_entity_poly.pdbx_seq_one_letter_code
;GSHMMKGGSRVSNPAVMAQEEEDVRDYNLTEEQKAIKAKYPPVNRKYEYLDHTADVQLHAWGDTLEEAFEQCAMAMFGYM
TDTGTVEPLQTVEVETQGDDLQSLLFHFLDEWLYKFSADEFFIPREVKVLSIDQRNFKLRSIGWGEEFSLSKHPQGTEVK
AITYSAMQVYNEENPEVFVIIDI
;
_entity_poly.pdbx_strand_id   A
#
# COMPACT_ATOMS: atom_id res chain seq x y z
N ASP A 26 12.07 9.72 1.90
CA ASP A 26 12.07 11.19 1.75
C ASP A 26 12.41 11.65 0.33
N TYR A 27 11.62 12.60 -0.18
CA TYR A 27 11.74 13.11 -1.54
C TYR A 27 11.97 14.62 -1.53
N ASN A 28 12.34 15.15 -2.70
CA ASN A 28 12.44 16.58 -2.92
C ASN A 28 11.19 17.05 -3.65
N LEU A 29 10.49 18.01 -3.07
CA LEU A 29 9.18 18.43 -3.55
C LEU A 29 9.27 19.78 -4.25
N THR A 30 8.52 19.92 -5.34
CA THR A 30 8.24 21.22 -5.91
C THR A 30 7.44 22.05 -4.91
N GLU A 31 7.32 23.34 -5.20
CA GLU A 31 6.45 24.18 -4.40
C GLU A 31 5.00 23.73 -4.52
N GLU A 32 4.57 23.36 -5.72
CA GLU A 32 3.20 22.90 -5.91
C GLU A 32 2.94 21.64 -5.09
N GLN A 33 3.90 20.70 -5.09
CA GLN A 33 3.73 19.48 -4.34
C GLN A 33 3.68 19.74 -2.84
N LYS A 34 4.48 20.68 -2.35
CA LYS A 34 4.43 21.04 -0.93
C LYS A 34 3.08 21.62 -0.57
N ALA A 35 2.46 22.38 -1.48
CA ALA A 35 1.19 23.02 -1.17
C ALA A 35 0.08 21.98 -1.04
N ILE A 36 0.08 20.97 -1.92
CA ILE A 36 -0.93 19.91 -1.83
C ILE A 36 -0.75 19.11 -0.55
N LYS A 37 0.51 18.83 -0.20
CA LYS A 37 0.79 18.10 1.03
C LYS A 37 0.28 18.86 2.26
N ALA A 38 0.25 20.18 2.19
CA ALA A 38 -0.19 20.99 3.33
C ALA A 38 -1.70 21.14 3.40
N LYS A 39 -2.42 20.85 2.31
CA LYS A 39 -3.87 21.00 2.24
C LYS A 39 -4.63 19.81 2.78
N TYR A 40 -3.98 18.65 2.94
CA TYR A 40 -4.64 17.41 3.30
C TYR A 40 -4.03 16.83 4.56
N PRO A 41 -4.80 16.05 5.33
CA PRO A 41 -4.29 15.48 6.57
C PRO A 41 -3.22 14.44 6.28
N PRO A 42 -2.09 14.48 6.99
CA PRO A 42 -1.07 13.43 6.82
C PRO A 42 -1.64 12.08 7.24
N VAL A 43 -1.15 11.04 6.61
CA VAL A 43 -1.53 9.67 6.96
C VAL A 43 -0.53 9.15 7.99
N ASN A 44 -1.04 8.56 9.06
CA ASN A 44 -0.15 8.00 10.08
C ASN A 44 0.62 6.83 9.47
N ARG A 45 1.93 6.82 9.64
CA ARG A 45 2.79 5.78 9.06
C ARG A 45 3.09 4.73 10.12
N LYS A 46 2.69 3.49 9.85
CA LYS A 46 3.01 2.36 10.71
C LYS A 46 3.69 1.28 9.86
N TYR A 47 4.78 1.68 9.21
CA TYR A 47 5.51 0.77 8.33
C TYR A 47 6.97 1.20 8.28
N GLU A 48 7.80 0.28 7.80
CA GLU A 48 9.22 0.57 7.63
C GLU A 48 9.78 -0.32 6.53
N TYR A 49 10.95 0.05 6.04
CA TYR A 49 11.56 -0.62 4.90
C TYR A 49 12.92 -1.15 5.30
N LEU A 50 13.29 -2.25 4.66
CA LEU A 50 14.62 -2.83 4.76
C LEU A 50 15.06 -3.06 3.31
N ASP A 51 15.98 -2.22 2.82
CA ASP A 51 16.36 -2.22 1.41
C ASP A 51 17.40 -3.27 1.10
N HIS A 52 17.25 -3.94 -0.03
CA HIS A 52 18.31 -4.76 -0.59
C HIS A 52 18.52 -4.34 -2.04
N THR A 53 19.49 -4.97 -2.69
CA THR A 53 19.84 -4.58 -4.05
C THR A 53 18.62 -4.61 -4.98
N ALA A 54 17.94 -5.76 -5.04
CA ALA A 54 16.88 -6.00 -6.02
C ALA A 54 15.49 -6.11 -5.39
N ASP A 55 15.36 -5.93 -4.08
CA ASP A 55 14.05 -6.06 -3.47
C ASP A 55 14.08 -5.31 -2.15
N VAL A 56 12.90 -5.14 -1.59
CA VAL A 56 12.73 -4.42 -0.33
C VAL A 56 11.80 -5.24 0.53
N GLN A 57 12.14 -5.40 1.82
CA GLN A 57 11.16 -5.95 2.75
C GLN A 57 10.35 -4.82 3.34
N LEU A 58 9.02 -4.95 3.26
CA LEU A 58 8.06 -4.10 3.95
C LEU A 58 7.66 -4.75 5.25
N HIS A 59 7.67 -3.98 6.33
CA HIS A 59 7.14 -4.39 7.63
C HIS A 59 6.07 -3.37 8.01
N ALA A 60 4.84 -3.84 8.23
CA ALA A 60 3.72 -2.97 8.58
C ALA A 60 2.96 -3.55 9.76
N TRP A 61 2.32 -2.68 10.54
CA TRP A 61 1.66 -3.11 11.77
C TRP A 61 0.44 -2.21 12.02
N GLY A 62 -0.38 -2.63 12.98
CA GLY A 62 -1.45 -1.77 13.44
C GLY A 62 -2.13 -2.40 14.62
N ASP A 63 -3.21 -1.77 15.08
CA ASP A 63 -3.94 -2.30 16.22
C ASP A 63 -4.81 -3.49 15.82
N THR A 64 -5.15 -3.58 14.54
CA THR A 64 -5.95 -4.67 13.99
C THR A 64 -5.21 -5.25 12.80
N LEU A 65 -5.55 -6.49 12.44
CA LEU A 65 -5.00 -7.08 11.23
C LEU A 65 -5.37 -6.26 10.01
N GLU A 66 -6.58 -5.70 10.00
CA GLU A 66 -7.00 -4.82 8.90
C GLU A 66 -6.08 -3.61 8.78
N GLU A 67 -5.69 -3.02 9.92
CA GLU A 67 -4.79 -1.87 9.88
C GLU A 67 -3.39 -2.29 9.42
N ALA A 68 -2.91 -3.45 9.85
CA ALA A 68 -1.61 -3.91 9.36
C ALA A 68 -1.63 -4.10 7.85
N PHE A 69 -2.74 -4.63 7.31
CA PHE A 69 -2.83 -4.80 5.85
C PHE A 69 -2.82 -3.46 5.13
N GLU A 70 -3.64 -2.50 5.59
CA GLU A 70 -3.72 -1.23 4.87
C GLU A 70 -2.40 -0.46 4.96
N GLN A 71 -1.71 -0.58 6.09
CA GLN A 71 -0.39 0.04 6.21
C GLN A 71 0.62 -0.62 5.28
N CYS A 72 0.49 -1.91 5.05
CA CYS A 72 1.38 -2.57 4.10
C CYS A 72 1.13 -2.09 2.68
N ALA A 73 -0.13 -1.82 2.32
CA ALA A 73 -0.39 -1.28 1.00
C ALA A 73 0.15 0.14 0.88
N MET A 74 -0.02 0.98 1.92
CA MET A 74 0.52 2.33 1.86
C MET A 74 2.04 2.33 1.91
N ALA A 75 2.66 1.34 2.57
CA ALA A 75 4.11 1.23 2.51
C ALA A 75 4.55 0.97 1.07
N MET A 76 3.80 0.13 0.35
CA MET A 76 4.15 -0.17 -1.04
C MET A 76 4.06 1.07 -1.91
N PHE A 77 2.94 1.78 -1.84
CA PHE A 77 2.80 2.98 -2.64
C PHE A 77 3.75 4.06 -2.17
N GLY A 78 4.06 4.11 -0.87
CA GLY A 78 5.01 5.07 -0.35
C GLY A 78 6.42 4.88 -0.91
N TYR A 79 6.71 3.69 -1.42
CA TYR A 79 8.00 3.50 -2.08
C TYR A 79 8.01 4.08 -3.49
N MET A 80 6.84 4.21 -4.12
CA MET A 80 6.75 4.70 -5.49
C MET A 80 6.77 6.22 -5.58
N THR A 81 6.29 6.92 -4.54
CA THR A 81 6.19 8.37 -4.57
C THR A 81 5.95 8.85 -3.13
N ASP A 82 5.84 10.16 -2.95
CA ASP A 82 5.38 10.75 -1.69
C ASP A 82 3.86 10.81 -1.77
N THR A 83 3.19 9.85 -1.14
CA THR A 83 1.74 9.78 -1.27
C THR A 83 1.04 10.92 -0.58
N GLY A 84 1.75 11.67 0.27
CA GLY A 84 1.19 12.91 0.82
C GLY A 84 0.86 13.95 -0.23
N THR A 85 1.47 13.85 -1.42
CA THR A 85 1.22 14.80 -2.50
C THR A 85 0.09 14.37 -3.41
N VAL A 86 -0.54 13.24 -3.14
CA VAL A 86 -1.64 12.72 -3.94
C VAL A 86 -2.95 13.29 -3.41
N GLU A 87 -3.78 13.82 -4.31
CA GLU A 87 -5.05 14.35 -3.86
C GLU A 87 -6.11 13.26 -3.81
N PRO A 88 -6.99 13.24 -2.79
CA PRO A 88 -7.99 12.18 -2.65
C PRO A 88 -9.25 12.43 -3.47
N LEU A 89 -9.06 12.62 -4.78
CA LEU A 89 -10.15 13.03 -5.65
C LEU A 89 -11.13 11.88 -5.93
N GLN A 90 -10.59 10.71 -6.26
CA GLN A 90 -11.38 9.59 -6.72
C GLN A 90 -11.29 8.42 -5.75
N THR A 91 -12.32 7.58 -5.79
CA THR A 91 -12.43 6.43 -4.91
C THR A 91 -12.37 5.15 -5.74
N VAL A 92 -11.60 4.18 -5.25
CA VAL A 92 -11.44 2.88 -5.92
C VAL A 92 -11.57 1.79 -4.86
N GLU A 93 -12.30 0.72 -5.19
CA GLU A 93 -12.48 -0.40 -4.28
C GLU A 93 -11.72 -1.63 -4.77
N VAL A 94 -11.10 -2.35 -3.84
CA VAL A 94 -10.42 -3.62 -4.11
C VAL A 94 -10.99 -4.66 -3.16
N GLU A 95 -11.62 -5.69 -3.72
CA GLU A 95 -12.08 -6.85 -2.96
C GLU A 95 -11.32 -8.07 -3.44
N THR A 96 -10.96 -8.96 -2.52
CA THR A 96 -10.12 -10.07 -2.93
C THR A 96 -10.30 -11.24 -1.97
N GLN A 97 -9.74 -12.39 -2.35
CA GLN A 97 -9.82 -13.59 -1.54
C GLN A 97 -8.49 -14.30 -1.59
N GLY A 98 -8.24 -15.15 -0.60
CA GLY A 98 -7.06 -15.97 -0.58
C GLY A 98 -7.43 -17.36 -0.10
N ASP A 99 -6.41 -18.20 0.04
CA ASP A 99 -6.61 -19.51 0.66
C ASP A 99 -6.14 -19.55 2.10
N ASP A 100 -5.38 -18.54 2.52
CA ASP A 100 -5.00 -18.34 3.93
C ASP A 100 -4.66 -16.87 4.08
N LEU A 101 -4.23 -16.47 5.27
CA LEU A 101 -3.99 -15.04 5.47
C LEU A 101 -2.78 -14.57 4.68
N GLN A 102 -1.76 -15.42 4.54
CA GLN A 102 -0.57 -15.00 3.79
CA GLN A 102 -0.57 -15.03 3.79
C GLN A 102 -0.90 -14.82 2.31
N SER A 103 -1.65 -15.75 1.72
CA SER A 103 -2.01 -15.58 0.32
C SER A 103 -3.04 -14.47 0.14
N LEU A 104 -3.90 -14.24 1.14
CA LEU A 104 -4.79 -13.07 1.07
C LEU A 104 -3.99 -11.77 0.97
N LEU A 105 -3.00 -11.60 1.84
CA LEU A 105 -2.15 -10.42 1.75
C LEU A 105 -1.49 -10.28 0.38
N PHE A 106 -0.96 -11.39 -0.14
CA PHE A 106 -0.29 -11.32 -1.43
C PHE A 106 -1.23 -10.81 -2.51
N HIS A 107 -2.42 -11.42 -2.63
CA HIS A 107 -3.31 -11.01 -3.69
C HIS A 107 -3.87 -9.62 -3.46
N PHE A 108 -4.05 -9.24 -2.19
CA PHE A 108 -4.46 -7.87 -1.86
C PHE A 108 -3.46 -6.85 -2.39
N LEU A 109 -2.17 -7.07 -2.10
CA LEU A 109 -1.15 -6.15 -2.58
C LEU A 109 -1.03 -6.22 -4.10
N ASP A 110 -1.12 -7.45 -4.65
CA ASP A 110 -1.03 -7.64 -6.10
C ASP A 110 -2.12 -6.88 -6.83
N GLU A 111 -3.34 -6.90 -6.28
CA GLU A 111 -4.43 -6.21 -6.97
C GLU A 111 -4.27 -4.70 -6.90
N TRP A 112 -3.80 -4.16 -5.78
CA TRP A 112 -3.55 -2.72 -5.70
C TRP A 112 -2.40 -2.30 -6.61
N LEU A 113 -1.35 -3.12 -6.69
CA LEU A 113 -0.28 -2.78 -7.62
C LEU A 113 -0.78 -2.75 -9.06
N TYR A 114 -1.69 -3.65 -9.43
CA TYR A 114 -2.23 -3.63 -10.79
C TYR A 114 -3.15 -2.45 -11.05
N LYS A 115 -3.80 -1.91 -10.02
CA LYS A 115 -4.55 -0.67 -10.21
C LYS A 115 -3.62 0.46 -10.59
N PHE A 116 -2.38 0.43 -10.10
CA PHE A 116 -1.40 1.47 -10.40
C PHE A 116 -0.74 1.27 -11.75
N SER A 117 -0.39 0.04 -12.09
CA SER A 117 0.43 -0.23 -13.26
C SER A 117 -0.35 -0.30 -14.56
N ALA A 118 -1.67 -0.39 -14.52
CA ALA A 118 -2.44 -0.54 -15.75
C ALA A 118 -3.79 0.14 -15.59
N ASP A 119 -4.55 0.18 -16.69
CA ASP A 119 -5.94 0.64 -16.72
C ASP A 119 -6.03 2.13 -16.40
N GLU A 120 -6.42 2.48 -15.16
CA GLU A 120 -6.59 3.87 -14.80
C GLU A 120 -5.36 4.46 -14.12
N PHE A 121 -4.32 3.65 -13.88
CA PHE A 121 -3.04 4.15 -13.33
C PHE A 121 -3.27 4.92 -12.03
N PHE A 122 -4.05 4.33 -11.14
CA PHE A 122 -4.51 4.97 -9.91
C PHE A 122 -3.45 4.85 -8.82
N ILE A 123 -3.18 5.96 -8.13
CA ILE A 123 -2.29 5.99 -6.97
C ILE A 123 -3.10 6.44 -5.76
N PRO A 124 -3.22 5.63 -4.71
CA PRO A 124 -4.00 6.06 -3.54
C PRO A 124 -3.18 6.92 -2.61
N ARG A 125 -3.80 8.00 -2.14
CA ARG A 125 -3.23 8.72 -1.01
C ARG A 125 -3.31 7.89 0.27
N GLU A 126 -4.38 7.12 0.39
CA GLU A 126 -4.71 6.42 1.62
C GLU A 126 -5.49 5.16 1.23
N VAL A 127 -5.24 4.07 1.94
CA VAL A 127 -5.97 2.82 1.74
C VAL A 127 -6.61 2.43 3.05
N LYS A 128 -7.84 1.93 2.99
CA LYS A 128 -8.52 1.43 4.17
C LYS A 128 -9.02 0.03 3.89
N VAL A 129 -8.75 -0.88 4.84
CA VAL A 129 -9.25 -2.25 4.79
C VAL A 129 -10.46 -2.32 5.71
N LEU A 130 -11.65 -2.48 5.10
CA LEU A 130 -12.89 -2.42 5.86
C LEU A 130 -13.09 -3.68 6.68
N SER A 131 -12.73 -4.84 6.13
CA SER A 131 -13.00 -6.10 6.78
C SER A 131 -12.11 -7.18 6.18
N ILE A 132 -11.65 -8.08 7.03
CA ILE A 132 -11.05 -9.34 6.62
C ILE A 132 -11.91 -10.44 7.23
N ASP A 133 -12.43 -11.31 6.37
CA ASP A 133 -13.14 -12.51 6.84
C ASP A 133 -12.08 -13.55 7.15
N GLN A 134 -11.78 -13.74 8.43
CA GLN A 134 -10.71 -14.66 8.81
C GLN A 134 -11.09 -16.12 8.62
N ARG A 135 -12.36 -16.39 8.36
CA ARG A 135 -12.82 -17.76 8.13
C ARG A 135 -12.65 -18.15 6.66
N ASN A 136 -13.12 -17.29 5.76
CA ASN A 136 -13.10 -17.54 4.33
C ASN A 136 -11.94 -16.86 3.63
N PHE A 137 -11.18 -16.04 4.33
CA PHE A 137 -10.03 -15.32 3.77
C PHE A 137 -10.48 -14.41 2.62
N LYS A 138 -11.48 -13.58 2.92
CA LYS A 138 -12.02 -12.58 2.02
C LYS A 138 -11.78 -11.20 2.62
N LEU A 139 -11.60 -10.21 1.75
CA LEU A 139 -11.23 -8.87 2.18
C LEU A 139 -11.95 -7.84 1.32
N ARG A 140 -12.38 -6.74 1.96
CA ARG A 140 -12.87 -5.55 1.26
C ARG A 140 -12.01 -4.36 1.65
N SER A 141 -11.61 -3.58 0.65
CA SER A 141 -10.78 -2.41 0.92
C SER A 141 -11.19 -1.29 -0.04
N ILE A 142 -10.72 -0.08 0.29
CA ILE A 142 -11.06 1.11 -0.46
CA ILE A 142 -11.07 1.13 -0.44
C ILE A 142 -9.87 2.07 -0.39
N GLY A 143 -9.65 2.79 -1.49
CA GLY A 143 -8.58 3.79 -1.52
C GLY A 143 -9.07 5.08 -2.14
N TRP A 144 -8.42 6.19 -1.74
CA TRP A 144 -8.74 7.51 -2.25
C TRP A 144 -7.49 8.14 -2.86
N GLY A 145 -7.63 8.70 -4.06
CA GLY A 145 -6.48 9.14 -4.82
C GLY A 145 -6.83 9.68 -6.19
N GLU A 146 -5.90 9.57 -7.12
CA GLU A 146 -6.08 10.12 -8.45
C GLU A 146 -5.14 9.37 -9.39
N GLU A 147 -5.19 9.72 -10.66
CA GLU A 147 -4.27 9.14 -11.63
C GLU A 147 -2.85 9.57 -11.31
N PHE A 148 -1.92 8.61 -11.33
CA PHE A 148 -0.51 8.92 -11.16
C PHE A 148 -0.02 9.75 -12.33
N SER A 149 0.89 10.68 -12.05
CA SER A 149 1.41 11.56 -13.08
C SER A 149 2.79 12.03 -12.69
N LEU A 150 3.72 11.99 -13.65
CA LEU A 150 5.11 12.32 -13.37
C LEU A 150 5.29 13.80 -13.06
N SER A 151 4.36 14.64 -13.51
CA SER A 151 4.48 16.08 -13.29
C SER A 151 3.88 16.50 -11.96
N LYS A 152 2.87 15.77 -11.49
CA LYS A 152 2.20 16.13 -10.24
C LYS A 152 2.79 15.41 -9.05
N HIS A 153 3.37 14.23 -9.25
CA HIS A 153 3.79 13.36 -8.17
C HIS A 153 5.29 13.10 -8.26
N PRO A 154 6.00 13.16 -7.14
CA PRO A 154 7.45 12.91 -7.18
C PRO A 154 7.75 11.49 -7.63
N GLN A 155 8.78 11.36 -8.44
CA GLN A 155 9.20 10.04 -8.89
C GLN A 155 9.97 9.35 -7.79
N GLY A 156 9.54 8.14 -7.45
CA GLY A 156 10.28 7.32 -6.52
C GLY A 156 10.84 6.11 -7.25
N THR A 157 10.58 4.92 -6.73
CA THR A 157 11.07 3.69 -7.33
C THR A 157 9.91 2.85 -7.80
N GLU A 158 10.03 2.28 -9.00
CA GLU A 158 8.98 1.42 -9.51
C GLU A 158 8.95 0.09 -8.77
N VAL A 159 7.78 -0.30 -8.30
CA VAL A 159 7.58 -1.62 -7.72
C VAL A 159 7.25 -2.58 -8.85
N LYS A 160 8.16 -3.49 -9.15
CA LYS A 160 7.97 -4.36 -10.31
C LYS A 160 6.99 -5.49 -10.01
N ALA A 161 7.00 -6.01 -8.79
CA ALA A 161 6.18 -7.17 -8.46
C ALA A 161 6.10 -7.30 -6.95
N ILE A 162 5.03 -7.94 -6.49
CA ILE A 162 4.99 -8.52 -5.16
C ILE A 162 5.60 -9.90 -5.29
N THR A 163 6.46 -10.27 -4.34
CA THR A 163 6.94 -11.65 -4.28
C THR A 163 6.22 -12.41 -3.18
N TYR A 164 6.25 -13.73 -3.30
CA TYR A 164 5.56 -14.60 -2.34
C TYR A 164 6.52 -15.41 -1.51
N SER A 165 7.83 -15.17 -1.64
CA SER A 165 8.84 -16.03 -1.03
C SER A 165 8.88 -15.91 0.49
N ALA A 166 8.61 -14.73 1.05
CA ALA A 166 8.68 -14.57 2.49
C ALA A 166 7.52 -13.70 2.98
N MET A 167 6.30 -14.18 2.78
CA MET A 167 5.16 -13.57 3.42
C MET A 167 5.18 -13.98 4.89
N GLN A 168 4.83 -13.06 5.77
CA GLN A 168 4.66 -13.36 7.18
C GLN A 168 3.47 -12.57 7.66
N VAL A 169 2.56 -13.22 8.39
CA VAL A 169 1.41 -12.54 8.99
C VAL A 169 1.30 -12.98 10.44
N TYR A 170 1.22 -12.01 11.35
CA TYR A 170 1.05 -12.30 12.76
C TYR A 170 -0.25 -11.65 13.21
N ASN A 171 -1.11 -12.44 13.82
CA ASN A 171 -2.49 -12.06 14.03
C ASN A 171 -2.87 -12.31 15.48
N GLU A 172 -1.99 -11.93 16.39
CA GLU A 172 -2.19 -12.13 17.82
C GLU A 172 -2.38 -10.76 18.48
N GLU A 173 -1.66 -10.44 19.55
CA GLU A 173 -1.90 -9.21 20.28
C GLU A 173 -1.49 -7.98 19.48
N ASN A 174 -0.36 -8.06 18.78
CA ASN A 174 0.17 -6.92 18.02
C ASN A 174 0.25 -7.33 16.57
N PRO A 175 -0.80 -7.11 15.78
CA PRO A 175 -0.80 -7.59 14.39
C PRO A 175 0.26 -6.90 13.57
N GLU A 176 0.91 -7.68 12.71
CA GLU A 176 1.98 -7.17 11.87
C GLU A 176 2.17 -8.11 10.71
N VAL A 177 2.65 -7.55 9.59
CA VAL A 177 2.89 -8.33 8.38
C VAL A 177 4.27 -7.97 7.83
N PHE A 178 4.84 -8.93 7.07
CA PHE A 178 6.12 -8.74 6.40
C PHE A 178 5.96 -9.27 4.97
N VAL A 179 6.44 -8.50 4.00
CA VAL A 179 6.36 -8.92 2.60
CA VAL A 179 6.34 -8.88 2.59
C VAL A 179 7.59 -8.39 1.87
N ILE A 180 8.03 -9.13 0.86
CA ILE A 180 9.13 -8.68 0.02
C ILE A 180 8.54 -8.26 -1.32
N ILE A 181 8.91 -7.06 -1.80
CA ILE A 181 8.53 -6.60 -3.12
C ILE A 181 9.78 -6.44 -3.97
N ASP A 182 9.65 -6.69 -5.26
CA ASP A 182 10.75 -6.57 -6.21
C ASP A 182 10.83 -5.15 -6.74
N ILE A 183 12.06 -4.64 -6.85
CA ILE A 183 12.31 -3.35 -7.47
C ILE A 183 13.35 -3.49 -8.57
#